data_4XJV
#
_entry.id   4XJV
#
_cell.length_a   96.070
_cell.length_b   96.070
_cell.length_c   159.960
_cell.angle_alpha   90.000
_cell.angle_beta   90.000
_cell.angle_gamma   90.000
#
_symmetry.space_group_name_H-M   'I 4 2 2'
#
loop_
_entity.id
_entity.type
_entity.pdbx_description
1 polymer 'S-acyl fatty acid synthase thioesterase, medium chain'
2 non-polymer 'CHLORIDE ION'
#
_entity_poly.entity_id   1
_entity_poly.type   'polypeptide(L)'
_entity_poly.pdbx_seq_one_letter_code
;GIDPFTMERGDQPKRTRNENIFNCLYKNPEATFKLICFPWMGGGSTHFAKWGQDTHDLLEVHSLRLPGRESRVEEPLEND
ISQLVDEVVCALQPVIQDKPFAFFGHSMGSYIAFRTALGLKENNQPEPLHLFLSSATPVHSKAWHRIPKDDELSEEQISH
YLMEFGGTPKHFAEAKEFVKQCSPIIRADLNIVRSCTSNVPSKAVLSCDLTCFVGSEDIAKDMEAWKDVTSGNAKIYQLP
GGHFYLLDPANEKLIKNYIIKCLEVSSISNF
;
_entity_poly.pdbx_strand_id   A
#
loop_
_chem_comp.id
_chem_comp.type
_chem_comp.name
_chem_comp.formula
CL non-polymer 'CHLORIDE ION' 'Cl -1'
#
# COMPACT_ATOMS: atom_id res chain seq x y z
N ALA A 31 -11.97 -7.01 -18.85
CA ALA A 31 -11.07 -7.42 -17.78
C ALA A 31 -11.85 -8.00 -16.60
N THR A 32 -11.36 -9.09 -16.04
CA THR A 32 -12.04 -9.79 -14.97
C THR A 32 -11.96 -9.04 -13.64
N PHE A 33 -10.74 -8.70 -13.24
CA PHE A 33 -10.51 -8.01 -11.96
C PHE A 33 -10.07 -6.56 -12.17
N LYS A 34 -10.10 -5.79 -11.08
CA LYS A 34 -9.59 -4.42 -11.08
C LYS A 34 -8.64 -4.23 -9.91
N LEU A 35 -7.37 -4.00 -10.22
CA LEU A 35 -6.37 -3.72 -9.19
C LEU A 35 -6.26 -2.22 -8.95
N ILE A 36 -6.39 -1.81 -7.70
CA ILE A 36 -6.23 -0.42 -7.31
C ILE A 36 -4.89 -0.27 -6.58
N CYS A 37 -3.94 0.37 -7.25
CA CYS A 37 -2.58 0.48 -6.71
C CYS A 37 -2.35 1.82 -6.00
N PHE A 38 -1.57 1.77 -4.93
CA PHE A 38 -1.24 2.94 -4.13
C PHE A 38 0.28 3.14 -4.15
N PRO A 39 0.75 4.25 -4.75
CA PRO A 39 2.19 4.43 -4.95
C PRO A 39 2.95 4.84 -3.69
N TRP A 40 4.28 4.79 -3.78
CA TRP A 40 5.16 5.21 -2.70
C TRP A 40 5.49 6.69 -2.84
N MET A 41 6.40 7.15 -1.98
CA MET A 41 6.77 8.56 -1.92
C MET A 41 7.85 8.88 -2.95
N GLY A 42 7.46 9.55 -4.03
CA GLY A 42 8.37 9.93 -5.09
C GLY A 42 7.88 9.44 -6.45
N GLY A 43 7.59 8.16 -6.56
CA GLY A 43 7.11 7.58 -7.80
C GLY A 43 5.76 8.14 -8.18
N GLY A 44 5.72 8.92 -9.26
CA GLY A 44 4.49 9.58 -9.66
C GLY A 44 3.45 8.64 -10.22
N SER A 45 3.15 7.57 -9.49
CA SER A 45 2.15 6.58 -9.90
C SER A 45 2.46 5.91 -11.24
N THR A 46 3.67 6.13 -11.74
CA THR A 46 4.07 5.63 -13.05
C THR A 46 4.34 4.12 -13.02
N HIS A 47 5.20 3.70 -12.09
CA HIS A 47 5.66 2.31 -12.02
C HIS A 47 4.50 1.33 -11.99
N PHE A 48 3.40 1.73 -11.34
CA PHE A 48 2.21 0.89 -11.26
C PHE A 48 1.29 1.10 -12.47
N ALA A 49 1.90 1.30 -13.64
CA ALA A 49 1.15 1.36 -14.89
C ALA A 49 1.13 -0.03 -15.54
N LYS A 50 1.04 -1.05 -14.69
CA LYS A 50 1.13 -2.44 -15.13
C LYS A 50 -0.16 -2.94 -15.79
N TRP A 51 -0.22 -2.83 -17.12
CA TRP A 51 -1.40 -3.28 -17.87
C TRP A 51 -1.04 -4.30 -18.95
N GLY A 52 -2.06 -4.89 -19.56
CA GLY A 52 -1.87 -5.88 -20.60
C GLY A 52 -1.24 -7.15 -20.07
N GLN A 53 -2.06 -8.03 -19.48
CA GLN A 53 -1.54 -9.25 -18.88
C GLN A 53 -2.41 -10.52 -18.99
N ASP A 54 -3.16 -10.76 -20.08
CA ASP A 54 -3.36 -9.86 -21.20
C ASP A 54 -4.66 -9.07 -20.97
N THR A 55 -5.66 -9.75 -20.43
CA THR A 55 -6.96 -9.16 -20.14
C THR A 55 -7.51 -9.68 -18.81
N HIS A 56 -6.76 -9.45 -17.73
CA HIS A 56 -7.15 -9.88 -16.40
C HIS A 56 -7.39 -8.68 -15.49
N ASP A 57 -6.45 -7.73 -15.53
CA ASP A 57 -6.47 -6.58 -14.63
C ASP A 57 -6.66 -5.26 -15.37
N LEU A 58 -7.64 -4.47 -14.93
CA LEU A 58 -7.72 -3.05 -15.32
C LEU A 58 -7.12 -2.25 -14.17
N LEU A 59 -5.85 -1.88 -14.33
CA LEU A 59 -5.10 -1.23 -13.27
C LEU A 59 -5.34 0.28 -13.24
N GLU A 60 -5.78 0.77 -12.08
CA GLU A 60 -6.03 2.18 -11.87
C GLU A 60 -5.27 2.67 -10.64
N VAL A 61 -4.49 3.74 -10.81
CA VAL A 61 -3.53 4.17 -9.78
C VAL A 61 -3.92 5.50 -9.13
N HIS A 62 -3.46 5.68 -7.90
CA HIS A 62 -3.85 6.80 -7.04
C HIS A 62 -3.43 8.17 -7.56
N SER A 63 -2.11 8.43 -7.55
CA SER A 63 -1.55 9.76 -7.86
C SER A 63 -1.87 10.76 -6.75
N LEU A 64 -0.83 11.18 -6.02
CA LEU A 64 -0.98 12.13 -4.93
C LEU A 64 -0.89 13.58 -5.43
N GLN A 83 -9.80 12.26 7.52
CA GLN A 83 -11.00 11.87 6.79
C GLN A 83 -10.80 12.00 5.28
N LEU A 84 -9.53 11.94 4.86
CA LEU A 84 -9.20 11.96 3.44
C LEU A 84 -9.66 10.67 2.77
N VAL A 85 -9.97 9.65 3.57
CA VAL A 85 -10.44 8.37 3.06
C VAL A 85 -11.77 8.53 2.33
N ASP A 86 -12.63 9.40 2.83
CA ASP A 86 -13.93 9.63 2.22
C ASP A 86 -13.78 10.08 0.77
N GLU A 87 -12.71 10.80 0.48
CA GLU A 87 -12.48 11.33 -0.86
C GLU A 87 -12.11 10.21 -1.83
N VAL A 88 -11.61 9.09 -1.30
CA VAL A 88 -11.19 7.96 -2.13
C VAL A 88 -12.32 6.97 -2.33
N VAL A 89 -13.11 6.75 -1.28
CA VAL A 89 -14.20 5.77 -1.31
C VAL A 89 -15.21 6.07 -2.42
N CYS A 90 -15.68 7.31 -2.46
CA CYS A 90 -16.68 7.72 -3.45
C CYS A 90 -16.05 7.93 -4.83
N ALA A 91 -14.72 7.95 -4.88
CA ALA A 91 -13.99 8.14 -6.13
C ALA A 91 -13.67 6.80 -6.79
N LEU A 92 -13.79 5.72 -6.03
CA LEU A 92 -13.61 4.37 -6.56
C LEU A 92 -14.93 3.75 -7.01
N GLN A 93 -16.03 4.40 -6.66
CA GLN A 93 -17.35 3.91 -7.07
C GLN A 93 -17.52 3.85 -8.59
N PRO A 94 -17.20 4.94 -9.30
CA PRO A 94 -17.47 4.93 -10.74
C PRO A 94 -16.57 3.97 -11.54
N VAL A 95 -15.55 3.42 -10.92
CA VAL A 95 -14.61 2.53 -11.63
C VAL A 95 -14.73 1.08 -11.15
N ILE A 96 -15.18 0.89 -9.91
CA ILE A 96 -15.39 -0.46 -9.38
C ILE A 96 -16.59 -1.11 -10.06
N GLN A 97 -17.63 -0.33 -10.31
CA GLN A 97 -18.88 -0.86 -10.85
C GLN A 97 -19.39 -1.96 -9.91
N ASP A 98 -19.60 -3.16 -10.43
CA ASP A 98 -19.91 -4.33 -9.61
C ASP A 98 -18.85 -5.41 -9.79
N LYS A 99 -17.72 -5.03 -10.41
CA LYS A 99 -16.63 -5.98 -10.66
C LYS A 99 -15.77 -6.15 -9.41
N PRO A 100 -15.14 -7.33 -9.25
CA PRO A 100 -14.28 -7.56 -8.10
C PRO A 100 -13.00 -6.75 -8.17
N PHE A 101 -12.40 -6.45 -7.03
CA PHE A 101 -11.21 -5.61 -6.99
C PHE A 101 -10.23 -6.02 -5.90
N ALA A 102 -9.02 -5.50 -6.00
CA ALA A 102 -7.97 -5.77 -5.03
C ALA A 102 -7.11 -4.54 -4.83
N PHE A 103 -6.43 -4.47 -3.69
CA PHE A 103 -5.57 -3.34 -3.35
C PHE A 103 -4.11 -3.77 -3.29
N PHE A 104 -3.25 -3.01 -3.94
CA PHE A 104 -1.82 -3.14 -3.76
C PHE A 104 -1.24 -1.80 -3.34
N GLY A 105 -0.25 -1.84 -2.45
CA GLY A 105 0.36 -0.64 -1.93
C GLY A 105 1.81 -0.86 -1.59
N HIS A 106 2.62 0.18 -1.76
CA HIS A 106 4.03 0.11 -1.43
C HIS A 106 4.42 1.22 -0.45
N SER A 107 5.02 0.81 0.67
CA SER A 107 5.47 1.72 1.72
C SER A 107 4.34 2.64 2.18
N MET A 108 4.36 3.90 1.75
CA MET A 108 3.32 4.85 2.10
C MET A 108 1.95 4.33 1.65
N GLY A 109 1.92 3.74 0.46
CA GLY A 109 0.69 3.25 -0.13
C GLY A 109 0.05 2.10 0.63
N SER A 110 0.85 1.41 1.44
CA SER A 110 0.35 0.30 2.25
C SER A 110 -0.61 0.81 3.31
N TYR A 111 -0.26 1.93 3.93
CA TYR A 111 -1.08 2.53 4.97
C TYR A 111 -2.34 3.13 4.36
N ILE A 112 -2.20 3.70 3.17
CA ILE A 112 -3.34 4.31 2.48
C ILE A 112 -4.34 3.26 2.02
N ALA A 113 -3.83 2.17 1.44
CA ALA A 113 -4.69 1.07 0.99
C ALA A 113 -5.40 0.43 2.16
N PHE A 114 -4.68 0.25 3.26
CA PHE A 114 -5.24 -0.34 4.46
C PHE A 114 -6.40 0.48 5.03
N ARG A 115 -6.24 1.80 5.12
CA ARG A 115 -7.28 2.65 5.67
C ARG A 115 -8.45 2.81 4.68
N THR A 116 -8.14 2.73 3.39
CA THR A 116 -9.17 2.81 2.36
C THR A 116 -10.05 1.58 2.43
N ALA A 117 -9.42 0.42 2.63
CA ALA A 117 -10.15 -0.81 2.85
C ALA A 117 -10.94 -0.70 4.13
N LEU A 118 -10.25 -0.30 5.20
CA LEU A 118 -10.86 -0.14 6.51
C LEU A 118 -12.03 0.83 6.45
N GLY A 119 -11.93 1.81 5.55
CA GLY A 119 -12.95 2.84 5.40
C GLY A 119 -14.08 2.42 4.49
N LEU A 120 -13.87 1.39 3.70
CA LEU A 120 -14.93 0.84 2.86
C LEU A 120 -15.89 0.01 3.70
N LYS A 121 -15.35 -0.72 4.69
CA LYS A 121 -16.19 -1.53 5.56
C LYS A 121 -17.09 -0.66 6.42
N GLU A 122 -16.58 0.51 6.81
CA GLU A 122 -17.33 1.42 7.66
C GLU A 122 -18.59 1.93 6.97
N ASN A 123 -18.50 2.11 5.65
CA ASN A 123 -19.63 2.59 4.86
C ASN A 123 -20.50 1.45 4.36
N ASN A 124 -20.30 0.26 4.93
CA ASN A 124 -21.04 -0.94 4.56
C ASN A 124 -20.87 -1.27 3.07
N GLN A 125 -19.73 -0.88 2.52
CA GLN A 125 -19.34 -1.27 1.17
C GLN A 125 -18.58 -2.60 1.26
N PRO A 126 -18.46 -3.31 0.12
CA PRO A 126 -17.65 -4.54 0.13
C PRO A 126 -16.16 -4.24 0.16
N GLU A 127 -15.42 -4.99 0.98
CA GLU A 127 -13.97 -4.84 1.09
C GLU A 127 -13.30 -5.29 -0.20
N PRO A 128 -12.00 -4.96 -0.36
CA PRO A 128 -11.28 -5.52 -1.51
C PRO A 128 -11.13 -7.02 -1.40
N LEU A 129 -11.17 -7.72 -2.54
CA LEU A 129 -11.09 -9.17 -2.53
C LEU A 129 -9.77 -9.64 -1.93
N HIS A 130 -8.74 -8.79 -2.08
CA HIS A 130 -7.45 -9.05 -1.48
C HIS A 130 -6.72 -7.74 -1.18
N LEU A 131 -5.97 -7.75 -0.09
CA LEU A 131 -5.16 -6.59 0.31
C LEU A 131 -3.69 -6.96 0.27
N PHE A 132 -2.99 -6.47 -0.75
CA PHE A 132 -1.55 -6.69 -0.88
C PHE A 132 -0.76 -5.50 -0.35
N LEU A 133 0.01 -5.71 0.72
CA LEU A 133 0.80 -4.65 1.33
C LEU A 133 2.29 -4.91 1.13
N SER A 134 3.03 -3.86 0.73
CA SER A 134 4.45 -3.98 0.48
C SER A 134 5.29 -3.01 1.32
N SER A 135 6.34 -3.54 1.93
CA SER A 135 7.39 -2.74 2.58
C SER A 135 6.86 -1.66 3.51
N ALA A 136 6.06 -2.06 4.49
CA ALA A 136 5.52 -1.12 5.47
C ALA A 136 5.52 -1.77 6.84
N THR A 137 6.05 -1.07 7.83
CA THR A 137 6.02 -1.56 9.20
C THR A 137 4.63 -1.32 9.76
N PRO A 138 3.95 -2.40 10.21
CA PRO A 138 2.58 -2.21 10.72
C PRO A 138 2.55 -1.32 11.95
N VAL A 139 1.49 -0.52 12.08
CA VAL A 139 1.36 0.44 13.18
C VAL A 139 1.48 -0.24 14.54
N HIS A 140 0.79 -1.37 14.73
CA HIS A 140 0.84 -2.10 15.98
C HIS A 140 1.88 -3.22 15.93
N SER A 141 3.12 -2.88 16.27
CA SER A 141 4.20 -3.84 16.30
C SER A 141 5.38 -3.30 17.11
N LYS A 142 6.29 -4.19 17.49
CA LYS A 142 7.40 -3.84 18.37
C LYS A 142 8.44 -2.93 17.69
N ALA A 143 8.40 -2.88 16.37
CA ALA A 143 9.40 -2.14 15.59
C ALA A 143 8.89 -0.77 15.15
N TRP A 144 7.58 -0.59 15.18
CA TRP A 144 6.97 0.66 14.73
C TRP A 144 7.39 1.87 15.55
N HIS A 145 7.52 3.01 14.89
CA HIS A 145 7.80 4.28 15.55
C HIS A 145 6.94 5.38 14.94
N ARG A 146 6.23 6.11 15.80
CA ARG A 146 5.30 7.15 15.35
C ARG A 146 6.01 8.22 14.53
N ILE A 147 5.35 8.64 13.46
CA ILE A 147 5.86 9.74 12.64
C ILE A 147 5.67 11.04 13.38
N PRO A 148 6.76 11.82 13.58
CA PRO A 148 6.62 13.09 14.32
C PRO A 148 5.67 14.05 13.63
N LYS A 149 5.18 15.04 14.38
CA LYS A 149 4.32 16.07 13.81
C LYS A 149 5.11 16.88 12.81
N ASP A 150 4.41 17.54 11.89
CA ASP A 150 5.05 18.37 10.87
C ASP A 150 5.98 19.43 11.49
N ASP A 151 5.45 20.18 12.46
CA ASP A 151 6.20 21.28 13.05
C ASP A 151 7.35 20.81 13.95
N GLU A 152 7.50 19.50 14.10
CA GLU A 152 8.59 18.94 14.90
C GLU A 152 9.65 18.26 14.04
N LEU A 153 9.53 18.43 12.72
CA LEU A 153 10.52 17.91 11.79
C LEU A 153 11.34 19.05 11.16
N SER A 154 12.66 18.87 11.13
CA SER A 154 13.54 19.83 10.47
C SER A 154 13.71 19.40 9.02
N GLU A 155 14.10 20.35 8.17
CA GLU A 155 14.34 20.06 6.76
C GLU A 155 15.33 18.92 6.60
N GLU A 156 16.30 18.85 7.52
CA GLU A 156 17.27 17.77 7.52
C GLU A 156 16.60 16.43 7.75
N GLN A 157 15.63 16.40 8.67
CA GLN A 157 14.88 15.18 8.95
C GLN A 157 13.97 14.83 7.78
N ILE A 158 13.43 15.85 7.12
CA ILE A 158 12.64 15.65 5.91
C ILE A 158 13.53 15.08 4.81
N SER A 159 14.79 15.47 4.79
CA SER A 159 15.72 15.04 3.74
C SER A 159 16.08 13.56 3.89
N HIS A 160 15.97 13.03 5.11
CA HIS A 160 16.29 11.62 5.36
C HIS A 160 15.17 10.72 4.88
N TYR A 161 13.95 11.24 4.88
CA TYR A 161 12.81 10.50 4.34
C TYR A 161 12.94 10.38 2.82
N LEU A 162 13.38 11.46 2.19
CA LEU A 162 13.48 11.52 0.74
C LEU A 162 14.42 10.44 0.19
N MET A 163 15.37 10.01 1.01
CA MET A 163 16.28 8.93 0.61
C MET A 163 15.59 7.57 0.77
N GLU A 164 14.72 7.47 1.78
CA GLU A 164 14.07 6.21 2.12
C GLU A 164 15.13 5.13 2.34
N PHE A 172 22.25 8.79 -4.10
CA PHE A 172 21.03 9.57 -4.02
C PHE A 172 21.19 10.72 -3.02
N ALA A 173 21.97 10.48 -1.98
CA ALA A 173 22.24 11.49 -0.96
C ALA A 173 22.88 12.75 -1.55
N GLU A 174 23.44 12.61 -2.75
CA GLU A 174 24.08 13.72 -3.45
C GLU A 174 23.17 14.95 -3.53
N ALA A 175 21.87 14.69 -3.65
CA ALA A 175 20.88 15.75 -3.83
C ALA A 175 20.55 16.45 -2.51
N LYS A 176 21.22 17.58 -2.27
CA LYS A 176 21.03 18.34 -1.04
C LYS A 176 20.24 19.63 -1.31
N GLU A 177 20.62 20.32 -2.38
CA GLU A 177 19.97 21.57 -2.75
C GLU A 177 18.53 21.34 -3.23
N PHE A 178 18.31 20.21 -3.88
CA PHE A 178 17.00 19.88 -4.43
C PHE A 178 15.97 19.59 -3.33
N VAL A 179 16.43 19.19 -2.15
CA VAL A 179 15.54 18.80 -1.07
C VAL A 179 14.58 19.93 -0.70
N LYS A 180 15.05 21.16 -0.85
CA LYS A 180 14.25 22.33 -0.48
C LYS A 180 13.01 22.45 -1.36
N GLN A 181 13.13 22.07 -2.62
CA GLN A 181 12.01 22.16 -3.56
C GLN A 181 11.11 20.93 -3.48
N CYS A 182 11.66 19.83 -2.98
CA CYS A 182 10.89 18.61 -2.77
C CYS A 182 10.33 18.55 -1.35
N SER A 183 10.81 19.44 -0.50
CA SER A 183 10.41 19.52 0.90
C SER A 183 8.89 19.60 1.12
N PRO A 184 8.19 20.48 0.38
CA PRO A 184 6.75 20.61 0.63
C PRO A 184 5.94 19.38 0.20
N ILE A 185 6.36 18.72 -0.86
CA ILE A 185 5.69 17.49 -1.31
C ILE A 185 5.86 16.41 -0.25
N ILE A 186 7.08 16.28 0.25
CA ILE A 186 7.41 15.26 1.23
C ILE A 186 6.63 15.46 2.52
N ARG A 187 6.63 16.67 3.04
CA ARG A 187 5.94 16.99 4.28
C ARG A 187 4.44 16.66 4.20
N ALA A 188 3.85 16.88 3.03
CA ALA A 188 2.43 16.63 2.81
C ALA A 188 2.16 15.13 2.75
N ASP A 189 3.05 14.41 2.08
CA ASP A 189 2.94 12.96 1.98
C ASP A 189 3.03 12.34 3.38
N LEU A 190 3.92 12.88 4.20
CA LEU A 190 4.06 12.43 5.58
C LEU A 190 2.81 12.75 6.38
N ASN A 191 2.09 13.78 5.97
CA ASN A 191 0.87 14.16 6.65
C ASN A 191 -0.18 13.09 6.42
N ILE A 192 -0.23 12.58 5.20
CA ILE A 192 -1.12 11.49 4.85
C ILE A 192 -0.79 10.25 5.68
N VAL A 193 0.47 9.84 5.64
CA VAL A 193 0.91 8.65 6.37
C VAL A 193 0.72 8.83 7.88
N ARG A 194 1.00 10.03 8.37
CA ARG A 194 0.83 10.32 9.79
C ARG A 194 -0.63 10.12 10.20
N SER A 195 -1.54 10.39 9.27
CA SER A 195 -2.97 10.23 9.51
C SER A 195 -3.41 8.77 9.35
N CYS A 196 -2.89 8.10 8.33
CA CYS A 196 -3.25 6.72 8.05
C CYS A 196 -2.68 5.76 9.10
N THR A 197 -1.85 6.30 10.00
CA THR A 197 -1.25 5.50 11.07
C THR A 197 -1.67 6.03 12.43
N SER A 198 -2.63 6.96 12.44
CA SER A 198 -3.17 7.52 13.67
C SER A 198 -4.55 6.95 13.97
N ASN A 199 -4.78 6.64 15.24
CA ASN A 199 -6.07 6.16 15.71
C ASN A 199 -6.57 4.94 14.94
N VAL A 200 -5.66 4.03 14.63
CA VAL A 200 -6.03 2.78 13.99
C VAL A 200 -6.55 1.82 15.08
N PRO A 201 -7.63 1.07 14.78
CA PRO A 201 -8.15 0.14 15.78
C PRO A 201 -7.14 -0.92 16.19
N SER A 202 -7.31 -1.47 17.39
CA SER A 202 -6.47 -2.56 17.88
C SER A 202 -7.16 -3.90 17.65
N LYS A 203 -8.30 -3.85 16.97
CA LYS A 203 -9.10 -5.04 16.68
C LYS A 203 -9.17 -5.22 15.18
N ALA A 204 -9.00 -6.46 14.73
CA ALA A 204 -9.22 -6.81 13.33
C ALA A 204 -10.59 -6.34 12.87
N VAL A 205 -10.58 -5.38 11.95
CA VAL A 205 -11.81 -4.86 11.37
C VAL A 205 -12.04 -5.50 10.01
N LEU A 206 -10.96 -5.65 9.26
CA LEU A 206 -11.04 -6.23 7.93
C LEU A 206 -11.28 -7.74 8.03
N SER A 207 -11.68 -8.33 6.92
CA SER A 207 -11.92 -9.77 6.84
C SER A 207 -11.38 -10.35 5.55
N CYS A 208 -10.95 -9.48 4.64
CA CYS A 208 -10.35 -9.89 3.38
C CYS A 208 -9.02 -10.58 3.60
N ASP A 209 -8.61 -11.40 2.64
CA ASP A 209 -7.29 -12.02 2.69
C ASP A 209 -6.22 -10.96 2.53
N LEU A 210 -5.02 -11.28 2.97
CA LEU A 210 -3.92 -10.31 3.02
C LEU A 210 -2.58 -10.98 2.76
N THR A 211 -1.82 -10.44 1.81
CA THR A 211 -0.44 -10.87 1.59
C THR A 211 0.54 -9.72 1.80
N CYS A 212 1.62 -10.00 2.52
CA CYS A 212 2.70 -9.03 2.72
C CYS A 212 3.91 -9.38 1.88
N PHE A 213 4.41 -8.40 1.13
CA PHE A 213 5.64 -8.54 0.38
C PHE A 213 6.69 -7.62 0.98
N VAL A 214 7.92 -8.11 1.08
CA VAL A 214 9.00 -7.33 1.68
C VAL A 214 10.37 -7.81 1.20
N GLY A 215 11.31 -6.87 1.12
CA GLY A 215 12.66 -7.18 0.66
C GLY A 215 13.52 -7.79 1.75
N SER A 216 14.56 -8.51 1.35
CA SER A 216 15.46 -9.15 2.30
C SER A 216 16.36 -8.12 3.00
N GLU A 217 16.61 -7.01 2.32
CA GLU A 217 17.43 -5.92 2.88
C GLU A 217 16.56 -4.68 3.14
N ASP A 218 15.28 -4.93 3.38
CA ASP A 218 14.30 -3.85 3.49
C ASP A 218 14.39 -3.13 4.84
N ILE A 219 14.00 -1.85 4.86
CA ILE A 219 13.95 -1.08 6.09
C ILE A 219 12.64 -1.32 6.84
N ALA A 220 11.61 -1.71 6.11
CA ALA A 220 10.36 -2.16 6.74
C ALA A 220 10.64 -3.43 7.52
N LYS A 221 9.98 -3.59 8.66
CA LYS A 221 10.24 -4.70 9.55
C LYS A 221 8.97 -5.23 10.21
N ASP A 222 9.00 -6.52 10.56
CA ASP A 222 7.91 -7.15 11.30
C ASP A 222 6.57 -7.01 10.58
N MET A 223 6.56 -7.29 9.28
CA MET A 223 5.33 -7.25 8.50
C MET A 223 4.45 -8.45 8.83
N GLU A 224 5.04 -9.46 9.45
CA GLU A 224 4.31 -10.63 9.90
C GLU A 224 3.16 -10.24 10.81
N ALA A 225 3.26 -9.06 11.41
CA ALA A 225 2.27 -8.57 12.37
C ALA A 225 1.06 -7.92 11.69
N TRP A 226 1.13 -7.72 10.38
CA TRP A 226 -0.01 -7.17 9.64
C TRP A 226 -1.21 -8.11 9.68
N LYS A 227 -0.95 -9.37 10.01
CA LYS A 227 -2.00 -10.39 10.08
C LYS A 227 -3.11 -10.01 11.06
N ASP A 228 -2.79 -9.17 12.04
CA ASP A 228 -3.74 -8.83 13.08
C ASP A 228 -4.87 -7.92 12.60
N VAL A 229 -4.67 -7.21 11.49
CA VAL A 229 -5.65 -6.23 11.04
C VAL A 229 -6.86 -6.87 10.37
N THR A 230 -6.78 -8.17 10.09
CA THR A 230 -7.88 -8.87 9.43
C THR A 230 -8.07 -10.26 10.03
N SER A 231 -9.26 -10.84 9.81
CA SER A 231 -9.56 -12.17 10.29
C SER A 231 -9.28 -13.22 9.22
N GLY A 232 -9.04 -12.77 7.99
CA GLY A 232 -8.73 -13.66 6.88
C GLY A 232 -7.34 -14.24 6.98
N ASN A 233 -6.92 -14.94 5.91
CA ASN A 233 -5.62 -15.59 5.87
C ASN A 233 -4.49 -14.60 5.57
N ALA A 234 -3.41 -14.68 6.37
CA ALA A 234 -2.27 -13.79 6.21
C ALA A 234 -1.02 -14.54 5.73
N LYS A 235 -0.47 -14.10 4.60
CA LYS A 235 0.75 -14.68 4.07
C LYS A 235 1.82 -13.61 3.92
N ILE A 236 3.08 -14.02 4.08
CA ILE A 236 4.20 -13.11 3.87
C ILE A 236 5.29 -13.75 3.00
N TYR A 237 5.80 -12.98 2.05
CA TYR A 237 6.87 -13.43 1.16
C TYR A 237 8.04 -12.46 1.21
N GLN A 238 9.21 -13.02 1.51
CA GLN A 238 10.44 -12.24 1.60
C GLN A 238 11.27 -12.42 0.31
N LEU A 239 11.36 -11.36 -0.48
CA LEU A 239 12.01 -11.43 -1.79
C LEU A 239 13.39 -10.73 -1.78
N PRO A 240 14.30 -11.16 -2.66
CA PRO A 240 15.62 -10.51 -2.76
C PRO A 240 15.54 -9.05 -3.22
N GLY A 241 16.12 -8.14 -2.44
CA GLY A 241 16.13 -6.73 -2.78
C GLY A 241 16.09 -5.84 -1.55
N GLY A 242 16.12 -4.53 -1.77
CA GLY A 242 16.03 -3.55 -0.70
C GLY A 242 14.60 -3.08 -0.47
N HIS A 243 14.44 -1.78 -0.23
CA HIS A 243 13.12 -1.21 -0.01
C HIS A 243 12.34 -1.09 -1.32
N PHE A 244 13.02 -1.34 -2.44
CA PHE A 244 12.41 -1.26 -3.77
C PHE A 244 12.67 -2.54 -4.56
N TYR A 245 12.66 -3.67 -3.86
CA TYR A 245 12.81 -4.97 -4.49
C TYR A 245 11.84 -5.15 -5.66
N LEU A 246 10.66 -4.56 -5.54
CA LEU A 246 9.57 -4.81 -6.48
C LEU A 246 9.82 -4.18 -7.84
N LEU A 247 10.88 -3.37 -7.94
CA LEU A 247 11.28 -2.80 -9.22
C LEU A 247 11.99 -3.85 -10.06
N ASP A 248 12.65 -4.79 -9.37
CA ASP A 248 13.30 -5.91 -10.03
C ASP A 248 12.29 -6.64 -10.91
N PRO A 249 12.54 -6.70 -12.23
CA PRO A 249 11.54 -7.33 -13.12
C PRO A 249 11.20 -8.76 -12.75
N ALA A 250 12.09 -9.43 -12.00
CA ALA A 250 11.84 -10.77 -11.51
C ALA A 250 10.82 -10.73 -10.37
N ASN A 251 11.07 -9.89 -9.38
CA ASN A 251 10.16 -9.74 -8.26
C ASN A 251 8.80 -9.23 -8.72
N GLU A 252 8.81 -8.33 -9.70
CA GLU A 252 7.56 -7.80 -10.23
C GLU A 252 6.72 -8.91 -10.85
N LYS A 253 7.37 -9.77 -11.64
CA LYS A 253 6.69 -10.90 -12.26
C LYS A 253 6.13 -11.86 -11.21
N LEU A 254 6.90 -12.08 -10.14
CA LEU A 254 6.46 -12.94 -9.05
C LEU A 254 5.22 -12.38 -8.38
N ILE A 255 5.29 -11.10 -8.02
CA ILE A 255 4.18 -10.41 -7.38
C ILE A 255 2.92 -10.44 -8.25
N LYS A 256 3.06 -10.01 -9.49
CA LYS A 256 1.95 -9.97 -10.45
C LYS A 256 1.24 -11.32 -10.56
N ASN A 257 2.00 -12.36 -10.86
CA ASN A 257 1.46 -13.70 -11.01
C ASN A 257 0.75 -14.16 -9.74
N TYR A 258 1.31 -13.80 -8.60
CA TYR A 258 0.73 -14.20 -7.32
C TYR A 258 -0.58 -13.46 -7.10
N ILE A 259 -0.67 -12.21 -7.55
CA ILE A 259 -1.89 -11.44 -7.40
C ILE A 259 -2.99 -12.08 -8.22
N ILE A 260 -2.70 -12.37 -9.48
CA ILE A 260 -3.67 -12.97 -10.38
C ILE A 260 -4.18 -14.32 -9.83
N LYS A 261 -3.26 -15.18 -9.39
CA LYS A 261 -3.64 -16.48 -8.84
C LYS A 261 -4.54 -16.31 -7.62
N CYS A 262 -4.19 -15.37 -6.75
CA CYS A 262 -4.96 -15.12 -5.54
C CYS A 262 -6.42 -14.79 -5.83
N LEU A 263 -6.63 -13.87 -6.78
CA LEU A 263 -7.96 -13.38 -7.09
C LEU A 263 -8.78 -14.42 -7.81
N GLU A 264 -8.12 -15.27 -8.59
CA GLU A 264 -8.80 -16.32 -9.32
C GLU A 264 -9.28 -17.41 -8.37
N VAL A 265 -8.43 -17.78 -7.41
CA VAL A 265 -8.79 -18.82 -6.44
C VAL A 265 -9.92 -18.31 -5.53
N SER A 266 -9.79 -17.07 -5.06
CA SER A 266 -10.81 -16.47 -4.21
C SER A 266 -12.12 -16.22 -4.96
N SER A 267 -12.10 -16.37 -6.28
CA SER A 267 -13.29 -16.16 -7.10
C SER A 267 -13.95 -17.47 -7.50
N ILE A 268 -13.43 -18.57 -6.98
CA ILE A 268 -14.06 -19.88 -7.20
C ILE A 268 -15.39 -19.91 -6.47
N SER A 269 -16.37 -20.60 -7.06
CA SER A 269 -17.69 -20.71 -6.46
C SER A 269 -17.63 -21.39 -5.11
N ASN A 270 -18.61 -21.09 -4.26
CA ASN A 270 -18.66 -21.61 -2.90
C ASN A 270 -19.42 -22.92 -2.84
N PHE A 271 -18.86 -23.95 -3.48
CA PHE A 271 -19.48 -25.27 -3.55
C PHE A 271 -18.58 -26.32 -2.88
CL CL B . 7.01 5.87 1.01
#